data_5UTK
#
_entry.id   5UTK
#
_cell.length_a   174.950
_cell.length_b   52.026
_cell.length_c   111.427
_cell.angle_alpha   90.000
_cell.angle_beta   117.490
_cell.angle_gamma   90.000
#
_symmetry.space_group_name_H-M   'C 1 2 1'
#
loop_
_entity.id
_entity.type
_entity.pdbx_description
1 polymer 'Angiopoietin-1 receptor'
2 water water
#
_entity_poly.entity_id   1
_entity_poly.type   'polypeptide(L)'
_entity_poly.pdbx_seq_one_letter_code
;GSGSKVLPKPLNAPNVIDTGHNFAVINISSEPYFGDGPIKSKKLLYKPVNHYEAWQHIQVTNEIVTLNYLEPRTEYELCV
QLVRRGEGGEGHPGPVRRFTTASIGLPPPRGLNLLPKSQTTLNLTWQPIFPSSEDDFYVEVERRSVQKSDQQNIKVPGNL
TSVLLNNLHPREQY(MSE)VRARVNTKAQGEWSEDLTAWTLSDILPPQPENIKISNITHSSA(MSE)ISWTILDGYSISS
ITIRYKVQGKNEDQHVDVKIKNATITQYQLKGLEPETAYQVDIFAENNIGSSNPAFSHELVTLPESQAPADL
;
_entity_poly.pdbx_strand_id   A,B
#
# COMPACT_ATOMS: atom_id res chain seq x y z
N LYS A 5 -13.01 -82.86 -35.93
CA LYS A 5 -13.14 -81.68 -35.09
C LYS A 5 -11.80 -81.03 -34.78
N VAL A 6 -11.45 -80.03 -35.59
CA VAL A 6 -10.27 -79.21 -35.34
C VAL A 6 -10.65 -78.03 -34.44
N LEU A 7 -9.97 -77.90 -33.30
CA LEU A 7 -10.32 -76.93 -32.27
C LEU A 7 -10.41 -75.49 -32.80
N PRO A 8 -11.47 -74.75 -32.38
CA PRO A 8 -11.81 -73.44 -32.95
C PRO A 8 -10.97 -72.29 -32.40
N LYS A 9 -10.54 -71.41 -33.29
CA LYS A 9 -9.71 -70.27 -32.93
C LYS A 9 -10.11 -69.02 -33.72
N PRO A 10 -10.35 -67.91 -33.01
CA PRO A 10 -10.71 -66.64 -33.65
C PRO A 10 -9.63 -66.17 -34.62
N LEU A 11 -10.04 -65.43 -35.65
CA LEU A 11 -9.14 -65.03 -36.73
C LEU A 11 -8.66 -63.59 -36.58
N ASN A 12 -9.50 -62.75 -35.98
CA ASN A 12 -9.13 -61.35 -35.74
C ASN A 12 -8.79 -61.11 -34.28
N ALA A 13 -8.01 -60.08 -34.02
CA ALA A 13 -7.72 -59.68 -32.65
C ALA A 13 -8.98 -59.01 -32.07
N PRO A 14 -9.13 -59.05 -30.74
CA PRO A 14 -10.22 -58.30 -30.10
C PRO A 14 -10.11 -56.82 -30.47
N ASN A 15 -11.25 -56.12 -30.49
CA ASN A 15 -11.25 -54.69 -30.77
C ASN A 15 -11.62 -53.87 -29.54
N VAL A 16 -10.79 -52.88 -29.25
CA VAL A 16 -11.09 -51.96 -28.15
C VAL A 16 -11.88 -50.80 -28.75
N ILE A 17 -13.05 -50.53 -28.18
CA ILE A 17 -13.95 -49.55 -28.77
C ILE A 17 -14.21 -48.34 -27.86
N ASP A 18 -13.93 -48.50 -26.57
CA ASP A 18 -13.91 -47.35 -25.66
C ASP A 18 -12.80 -47.53 -24.63
N THR A 19 -12.27 -46.41 -24.16
CA THR A 19 -11.08 -46.44 -23.32
C THR A 19 -11.10 -45.33 -22.27
N GLY A 20 -11.09 -45.73 -20.99
CA GLY A 20 -10.98 -44.78 -19.90
C GLY A 20 -9.64 -44.93 -19.20
N HIS A 21 -9.55 -44.46 -17.96
CA HIS A 21 -8.32 -44.60 -17.20
C HIS A 21 -8.39 -45.78 -16.24
N ASN A 22 -9.58 -46.33 -16.05
CA ASN A 22 -9.78 -47.45 -15.14
C ASN A 22 -10.63 -48.56 -15.73
N PHE A 23 -11.03 -48.39 -16.99
CA PHE A 23 -11.88 -49.37 -17.66
C PHE A 23 -11.54 -49.53 -19.15
N ALA A 24 -11.94 -50.66 -19.71
CA ALA A 24 -11.85 -50.87 -21.15
C ALA A 24 -13.07 -51.63 -21.66
N VAL A 25 -13.61 -51.18 -22.79
CA VAL A 25 -14.75 -51.86 -23.40
C VAL A 25 -14.25 -52.58 -24.66
N ILE A 26 -14.49 -53.88 -24.73
CA ILE A 26 -13.88 -54.70 -25.77
C ILE A 26 -14.89 -55.50 -26.58
N ASN A 27 -14.69 -55.51 -27.90
CA ASN A 27 -15.34 -56.48 -28.76
C ASN A 27 -14.38 -57.64 -28.99
N ILE A 28 -14.68 -58.79 -28.40
CA ILE A 28 -13.72 -59.90 -28.37
C ILE A 28 -13.44 -60.53 -29.73
N SER A 29 -14.24 -60.18 -30.74
CA SER A 29 -14.07 -60.73 -32.10
C SER A 29 -13.99 -62.26 -32.15
N SER A 30 -14.86 -62.93 -31.40
CA SER A 30 -14.90 -64.38 -31.35
C SER A 30 -15.10 -64.97 -32.75
N GLU A 31 -16.18 -64.56 -33.40
CA GLU A 31 -16.47 -64.95 -34.77
C GLU A 31 -16.03 -63.82 -35.72
N PRO A 32 -15.49 -64.17 -36.89
CA PRO A 32 -15.33 -65.52 -37.41
C PRO A 32 -14.13 -66.26 -36.83
N TYR A 33 -14.19 -67.59 -36.86
CA TYR A 33 -13.12 -68.44 -36.39
C TYR A 33 -12.62 -69.39 -37.48
N PHE A 34 -11.56 -70.13 -37.16
CA PHE A 34 -11.09 -71.23 -38.00
C PHE A 34 -11.30 -72.51 -37.22
N GLY A 35 -11.80 -73.55 -37.86
CA GLY A 35 -12.08 -74.80 -37.18
C GLY A 35 -13.56 -75.11 -37.10
N ASP A 36 -13.94 -75.99 -36.18
CA ASP A 36 -15.32 -76.50 -36.16
C ASP A 36 -16.13 -76.08 -34.93
N GLY A 37 -17.32 -75.54 -35.18
CA GLY A 37 -18.23 -75.17 -34.13
C GLY A 37 -19.08 -76.33 -33.64
N PRO A 38 -20.14 -76.03 -32.87
CA PRO A 38 -20.49 -74.67 -32.46
C PRO A 38 -19.64 -74.17 -31.28
N ILE A 39 -20.08 -73.10 -30.63
CA ILE A 39 -19.32 -72.54 -29.50
C ILE A 39 -20.04 -72.69 -28.16
N LYS A 40 -19.42 -73.41 -27.23
CA LYS A 40 -19.98 -73.58 -25.90
C LYS A 40 -19.68 -72.37 -25.01
N SER A 41 -18.45 -71.86 -25.10
CA SER A 41 -18.03 -70.75 -24.27
C SER A 41 -16.87 -69.97 -24.88
N LYS A 42 -16.83 -68.67 -24.59
CA LYS A 42 -15.75 -67.81 -25.03
C LYS A 42 -15.04 -67.29 -23.79
N LYS A 43 -13.73 -67.07 -23.88
CA LYS A 43 -12.96 -66.55 -22.76
C LYS A 43 -11.99 -65.48 -23.24
N LEU A 44 -12.00 -64.33 -22.57
CA LEU A 44 -11.07 -63.25 -22.89
C LEU A 44 -9.91 -63.25 -21.89
N LEU A 45 -8.69 -63.40 -22.38
CA LEU A 45 -7.52 -63.35 -21.52
C LEU A 45 -6.85 -61.98 -21.61
N TYR A 46 -6.40 -61.46 -20.47
CA TYR A 46 -5.80 -60.13 -20.43
C TYR A 46 -4.72 -59.98 -19.37
N LYS A 47 -3.78 -59.08 -19.63
CA LYS A 47 -2.59 -58.95 -18.80
C LYS A 47 -1.92 -57.61 -19.00
N PRO A 48 -1.44 -57.00 -17.90
CA PRO A 48 -0.63 -55.77 -18.02
C PRO A 48 0.73 -56.12 -18.61
N VAL A 49 1.13 -55.40 -19.65
CA VAL A 49 2.44 -55.64 -20.28
C VAL A 49 3.57 -55.35 -19.28
N ASN A 50 4.63 -56.15 -19.36
CA ASN A 50 5.82 -56.00 -18.50
C ASN A 50 5.54 -56.25 -17.01
N HIS A 51 4.46 -56.96 -16.74
CA HIS A 51 4.16 -57.43 -15.39
C HIS A 51 4.38 -58.93 -15.36
N TYR A 52 5.36 -59.39 -14.59
CA TYR A 52 5.60 -60.81 -14.52
C TYR A 52 4.54 -61.46 -13.64
N GLU A 53 3.46 -61.89 -14.29
CA GLU A 53 2.36 -62.54 -13.60
C GLU A 53 1.54 -63.34 -14.59
N ALA A 54 0.63 -64.15 -14.07
CA ALA A 54 -0.23 -64.97 -14.92
C ALA A 54 -1.26 -64.09 -15.61
N TRP A 55 -1.72 -64.52 -16.79
CA TRP A 55 -2.78 -63.80 -17.49
C TRP A 55 -4.06 -63.91 -16.69
N GLN A 56 -4.80 -62.81 -16.62
CA GLN A 56 -6.15 -62.87 -16.05
C GLN A 56 -7.13 -63.26 -17.16
N HIS A 57 -8.29 -63.78 -16.78
CA HIS A 57 -9.26 -64.22 -17.77
C HIS A 57 -10.68 -63.90 -17.32
N ILE A 58 -11.56 -63.63 -18.28
CA ILE A 58 -12.98 -63.48 -17.99
C ILE A 58 -13.84 -64.21 -19.03
N GLN A 59 -14.93 -64.83 -18.56
CA GLN A 59 -15.86 -65.49 -19.46
C GLN A 59 -16.77 -64.45 -20.10
N VAL A 60 -16.94 -64.55 -21.42
CA VAL A 60 -17.84 -63.65 -22.12
C VAL A 60 -19.03 -64.41 -22.72
N THR A 61 -20.22 -64.11 -22.23
CA THR A 61 -21.43 -64.78 -22.70
C THR A 61 -21.71 -64.46 -24.16
N ASN A 62 -21.57 -63.19 -24.53
CA ASN A 62 -21.91 -62.76 -25.88
C ASN A 62 -20.72 -62.33 -26.74
N GLU A 63 -20.40 -61.05 -26.73
CA GLU A 63 -19.41 -60.53 -27.65
C GLU A 63 -18.76 -59.24 -27.13
N ILE A 64 -19.45 -58.55 -26.24
CA ILE A 64 -18.98 -57.28 -25.71
C ILE A 64 -18.77 -57.36 -24.21
N VAL A 65 -17.55 -57.07 -23.77
CA VAL A 65 -17.22 -57.12 -22.35
C VAL A 65 -16.62 -55.80 -21.86
N THR A 66 -16.68 -55.58 -20.55
CA THR A 66 -16.14 -54.37 -19.96
C THR A 66 -15.14 -54.69 -18.86
N LEU A 67 -13.86 -54.54 -19.17
CA LEU A 67 -12.79 -54.83 -18.21
C LEU A 67 -12.70 -53.68 -17.21
N ASN A 68 -12.98 -53.96 -15.95
CA ASN A 68 -12.90 -52.94 -14.91
C ASN A 68 -11.61 -53.05 -14.12
N TYR A 69 -11.51 -52.24 -13.06
CA TYR A 69 -10.41 -52.32 -12.11
C TYR A 69 -9.04 -52.13 -12.74
N LEU A 70 -8.99 -51.36 -13.83
CA LEU A 70 -7.75 -51.14 -14.55
C LEU A 70 -6.92 -49.98 -14.00
N GLU A 71 -5.68 -49.89 -14.47
CA GLU A 71 -4.76 -48.84 -14.05
C GLU A 71 -4.61 -47.79 -15.15
N PRO A 72 -4.40 -46.55 -14.74
CA PRO A 72 -4.24 -45.43 -15.68
C PRO A 72 -2.96 -45.54 -16.49
N ARG A 73 -3.04 -45.15 -17.75
CA ARG A 73 -1.90 -45.15 -18.66
C ARG A 73 -1.08 -46.42 -18.61
N THR A 74 -1.75 -47.56 -18.67
CA THR A 74 -1.09 -48.86 -18.65
C THR A 74 -1.40 -49.62 -19.92
N GLU A 75 -0.37 -50.18 -20.55
CA GLU A 75 -0.54 -50.96 -21.76
C GLU A 75 -0.96 -52.38 -21.37
N TYR A 76 -1.99 -52.89 -22.04
CA TYR A 76 -2.49 -54.22 -21.77
C TYR A 76 -2.48 -55.03 -23.05
N GLU A 77 -2.48 -56.36 -22.91
CA GLU A 77 -2.63 -57.25 -24.05
C GLU A 77 -3.85 -58.15 -23.87
N LEU A 78 -4.54 -58.43 -24.97
CA LEU A 78 -5.78 -59.19 -24.93
C LEU A 78 -5.75 -60.32 -25.97
N CYS A 79 -6.29 -61.47 -25.60
CA CYS A 79 -6.50 -62.56 -26.56
C CYS A 79 -7.71 -63.39 -26.13
N VAL A 80 -8.30 -64.13 -27.07
CA VAL A 80 -9.53 -64.88 -26.81
C VAL A 80 -9.38 -66.37 -27.11
N GLN A 81 -9.83 -67.19 -26.16
CA GLN A 81 -9.89 -68.64 -26.36
C GLN A 81 -11.33 -69.11 -26.43
N LEU A 82 -11.58 -70.17 -27.21
CA LEU A 82 -12.92 -70.68 -27.41
C LEU A 82 -13.03 -72.16 -27.03
N VAL A 83 -14.18 -72.55 -26.50
CA VAL A 83 -14.49 -73.95 -26.26
C VAL A 83 -15.65 -74.37 -27.16
N ARG A 84 -15.50 -75.47 -27.89
CA ARG A 84 -16.58 -75.96 -28.74
C ARG A 84 -17.52 -76.88 -27.96
N ARG A 85 -18.62 -77.30 -28.59
CA ARG A 85 -19.66 -78.06 -27.89
C ARG A 85 -19.29 -79.51 -27.51
N GLY A 86 -18.38 -80.13 -28.26
CA GLY A 86 -17.94 -81.48 -27.94
C GLY A 86 -16.70 -81.52 -27.06
N GLY A 89 -11.36 -79.63 -26.20
CA GLY A 89 -10.99 -78.73 -25.12
C GLY A 89 -10.88 -77.29 -25.58
N GLU A 90 -9.99 -76.54 -24.95
CA GLU A 90 -9.78 -75.14 -25.29
C GLU A 90 -8.81 -74.99 -26.46
N GLY A 91 -9.25 -74.28 -27.49
CA GLY A 91 -8.42 -74.05 -28.67
C GLY A 91 -7.29 -73.06 -28.50
N HIS A 92 -6.65 -72.72 -29.61
CA HIS A 92 -5.58 -71.73 -29.63
C HIS A 92 -6.13 -70.35 -29.29
N PRO A 93 -5.33 -69.55 -28.58
CA PRO A 93 -5.60 -68.12 -28.44
C PRO A 93 -5.58 -67.44 -29.81
N GLY A 94 -6.52 -66.52 -30.02
CA GLY A 94 -6.54 -65.74 -31.25
C GLY A 94 -5.46 -64.67 -31.24
N PRO A 95 -5.38 -63.87 -32.31
CA PRO A 95 -4.40 -62.79 -32.38
C PRO A 95 -4.50 -61.84 -31.19
N VAL A 96 -3.38 -61.26 -30.78
CA VAL A 96 -3.35 -60.37 -29.62
C VAL A 96 -3.61 -58.91 -30.02
N ARG A 97 -4.40 -58.23 -29.21
CA ARG A 97 -4.63 -56.78 -29.36
C ARG A 97 -4.00 -56.06 -28.18
N ARG A 98 -3.17 -55.06 -28.46
CA ARG A 98 -2.60 -54.24 -27.40
C ARG A 98 -3.24 -52.86 -27.39
N PHE A 99 -3.55 -52.37 -26.20
CA PHE A 99 -4.11 -51.03 -26.05
C PHE A 99 -3.62 -50.43 -24.74
N THR A 100 -3.60 -49.11 -24.66
CA THR A 100 -3.17 -48.42 -23.44
C THR A 100 -4.33 -47.64 -22.85
N THR A 101 -4.54 -47.76 -21.53
CA THR A 101 -5.57 -46.98 -20.86
C THR A 101 -5.28 -45.48 -20.91
N ALA A 102 -6.21 -44.67 -20.41
CA ALA A 102 -6.07 -43.21 -20.50
C ALA A 102 -5.38 -42.60 -19.28
N SER A 103 -4.82 -41.40 -19.44
CA SER A 103 -4.20 -40.70 -18.31
C SER A 103 -5.27 -40.13 -17.37
N ILE A 104 -4.97 -40.13 -16.08
CA ILE A 104 -5.75 -39.35 -15.10
C ILE A 104 -5.08 -38.00 -14.95
N GLY A 105 -5.75 -37.06 -14.29
CA GLY A 105 -5.13 -35.77 -14.01
C GLY A 105 -4.07 -35.90 -12.94
N LEU A 106 -2.88 -35.39 -13.23
CA LEU A 106 -1.77 -35.46 -12.28
C LEU A 106 -1.93 -34.41 -11.19
N PRO A 107 -1.37 -34.68 -9.99
CA PRO A 107 -1.30 -33.67 -8.93
C PRO A 107 -0.42 -32.49 -9.37
N PRO A 108 -0.58 -31.33 -8.71
CA PRO A 108 0.23 -30.16 -9.06
C PRO A 108 1.70 -30.34 -8.68
N PRO A 109 2.59 -29.52 -9.24
CA PRO A 109 4.02 -29.56 -8.88
C PRO A 109 4.21 -29.40 -7.38
N ARG A 110 5.26 -30.02 -6.85
CA ARG A 110 5.54 -29.94 -5.42
C ARG A 110 6.65 -28.93 -5.17
N GLY A 111 6.70 -28.38 -3.95
CA GLY A 111 7.71 -27.41 -3.60
C GLY A 111 7.54 -26.12 -4.38
N LEU A 112 6.30 -25.81 -4.69
CA LEU A 112 5.96 -24.61 -5.44
C LEU A 112 6.42 -23.36 -4.69
N ASN A 113 7.00 -22.42 -5.42
CA ASN A 113 7.55 -21.22 -4.79
C ASN A 113 7.54 -20.03 -5.74
N LEU A 114 6.90 -18.93 -5.32
CA LEU A 114 6.85 -17.70 -6.11
C LEU A 114 7.70 -16.63 -5.43
N LEU A 115 8.72 -16.14 -6.12
CA LEU A 115 9.64 -15.16 -5.53
C LEU A 115 9.92 -13.97 -6.44
N PRO A 116 9.79 -12.76 -5.89
CA PRO A 116 10.09 -11.53 -6.63
C PRO A 116 11.57 -11.42 -6.98
N LYS A 117 11.88 -11.09 -8.23
CA LYS A 117 13.27 -10.96 -8.68
C LYS A 117 13.63 -9.52 -9.01
N SER A 118 12.66 -8.76 -9.51
CA SER A 118 12.84 -7.34 -9.78
C SER A 118 11.51 -6.60 -9.63
N GLN A 119 11.44 -5.40 -10.17
CA GLN A 119 10.21 -4.62 -10.10
C GLN A 119 9.16 -5.15 -11.07
N THR A 120 9.63 -5.88 -12.09
CA THR A 120 8.76 -6.31 -13.18
C THR A 120 8.83 -7.82 -13.41
N THR A 121 9.45 -8.55 -12.48
CA THR A 121 9.62 -10.00 -12.64
C THR A 121 9.30 -10.81 -11.40
N LEU A 122 8.61 -11.92 -11.60
CA LEU A 122 8.43 -12.93 -10.57
C LEU A 122 9.02 -14.23 -11.10
N ASN A 123 9.56 -15.06 -10.21
CA ASN A 123 10.07 -16.35 -10.62
C ASN A 123 9.30 -17.45 -9.92
N LEU A 124 8.75 -18.38 -10.70
CA LEU A 124 8.05 -19.53 -10.13
C LEU A 124 8.92 -20.78 -10.24
N THR A 125 9.12 -21.46 -9.12
CA THR A 125 9.94 -22.66 -9.12
C THR A 125 9.18 -23.85 -8.53
N TRP A 126 9.62 -25.05 -8.89
CA TRP A 126 9.07 -26.28 -8.32
C TRP A 126 10.08 -27.40 -8.38
N GLN A 127 9.86 -28.44 -7.58
CA GLN A 127 10.75 -29.60 -7.58
C GLN A 127 10.60 -30.37 -8.89
N PRO A 128 11.70 -30.99 -9.35
CA PRO A 128 11.66 -31.84 -10.54
C PRO A 128 10.56 -32.89 -10.43
N ILE A 129 9.89 -33.16 -11.55
CA ILE A 129 8.71 -34.01 -11.54
C ILE A 129 9.04 -35.44 -11.99
N PHE A 130 8.59 -36.42 -11.20
CA PHE A 130 8.72 -37.83 -11.55
C PHE A 130 7.35 -38.50 -11.52
N PRO A 131 6.69 -38.54 -12.69
CA PRO A 131 5.30 -38.99 -12.82
C PRO A 131 5.17 -40.51 -12.79
N SER A 132 4.00 -41.01 -12.41
CA SER A 132 3.77 -42.45 -12.29
C SER A 132 3.61 -43.16 -13.63
N SER A 133 3.59 -42.40 -14.72
CA SER A 133 3.57 -42.98 -16.06
C SER A 133 4.60 -42.25 -16.94
N GLU A 134 4.65 -42.61 -18.22
CA GLU A 134 5.67 -42.03 -19.10
C GLU A 134 5.12 -41.21 -20.27
N ASP A 135 4.07 -40.42 -20.00
CA ASP A 135 3.54 -39.52 -21.01
C ASP A 135 4.44 -38.30 -21.17
N ASP A 136 4.43 -37.69 -22.35
CA ASP A 136 5.11 -36.42 -22.54
C ASP A 136 4.22 -35.34 -21.94
N PHE A 137 4.72 -34.64 -20.94
CA PHE A 137 3.91 -33.70 -20.18
C PHE A 137 4.47 -32.28 -20.24
N TYR A 138 3.66 -31.33 -19.78
CA TYR A 138 4.11 -29.95 -19.66
C TYR A 138 3.49 -29.30 -18.44
N VAL A 139 4.00 -28.12 -18.08
CA VAL A 139 3.46 -27.38 -16.97
C VAL A 139 2.72 -26.14 -17.47
N GLU A 140 1.50 -25.94 -16.99
CA GLU A 140 0.76 -24.74 -17.33
C GLU A 140 0.77 -23.79 -16.14
N VAL A 141 1.17 -22.55 -16.39
CA VAL A 141 1.28 -21.56 -15.32
C VAL A 141 0.27 -20.44 -15.56
N GLU A 142 -0.61 -20.24 -14.59
CA GLU A 142 -1.67 -19.24 -14.74
C GLU A 142 -1.42 -18.06 -13.81
N ARG A 143 -1.20 -16.89 -14.41
CA ARG A 143 -0.99 -15.67 -13.65
C ARG A 143 -2.22 -14.78 -13.66
N ARG A 144 -2.78 -14.52 -12.49
CA ARG A 144 -3.94 -13.64 -12.37
C ARG A 144 -3.69 -12.54 -11.35
N SER A 145 -4.54 -11.52 -11.37
CA SER A 145 -4.50 -10.47 -10.35
C SER A 145 -5.36 -10.92 -9.17
N VAL A 146 -5.43 -10.09 -8.14
CA VAL A 146 -6.23 -10.41 -6.95
C VAL A 146 -7.71 -10.56 -7.30
N GLN A 147 -8.16 -9.79 -8.28
CA GLN A 147 -9.54 -9.90 -8.77
C GLN A 147 -9.63 -10.87 -9.93
N LYS A 148 -8.51 -11.50 -10.30
CA LYS A 148 -8.41 -12.35 -11.50
C LYS A 148 -8.78 -11.54 -12.75
N SER A 149 -8.03 -10.48 -13.00
CA SER A 149 -8.28 -9.62 -14.16
C SER A 149 -7.50 -10.15 -15.38
N ASP A 150 -6.37 -9.54 -15.66
CA ASP A 150 -5.62 -9.94 -16.82
C ASP A 150 -4.86 -11.20 -16.57
N GLN A 151 -5.51 -12.30 -16.91
CA GLN A 151 -5.01 -13.61 -16.77
C GLN A 151 -4.13 -13.90 -17.93
N GLN A 152 -3.00 -14.51 -17.68
CA GLN A 152 -2.12 -14.89 -18.74
C GLN A 152 -1.72 -16.32 -18.49
N ASN A 153 -2.00 -17.20 -19.45
CA ASN A 153 -1.59 -18.60 -19.39
C ASN A 153 -0.32 -18.80 -20.20
N ILE A 154 0.69 -19.42 -19.61
CA ILE A 154 1.90 -19.79 -20.34
C ILE A 154 2.23 -21.27 -20.16
N LYS A 155 2.56 -21.93 -21.26
CA LYS A 155 2.90 -23.35 -21.22
C LYS A 155 4.42 -23.53 -21.27
N VAL A 156 4.96 -24.23 -20.27
CA VAL A 156 6.39 -24.45 -20.20
C VAL A 156 6.68 -25.95 -20.28
N PRO A 157 7.69 -26.33 -21.08
CA PRO A 157 8.10 -27.73 -21.23
C PRO A 157 8.35 -28.41 -19.89
N GLY A 158 7.91 -29.65 -19.74
CA GLY A 158 7.96 -30.35 -18.47
C GLY A 158 9.35 -30.67 -17.93
N ASN A 159 10.39 -30.48 -18.74
CA ASN A 159 11.77 -30.73 -18.31
C ASN A 159 12.35 -29.51 -17.58
N LEU A 160 11.51 -28.50 -17.36
CA LEU A 160 11.92 -27.26 -16.71
C LEU A 160 11.37 -27.19 -15.27
N THR A 161 12.07 -26.45 -14.41
CA THR A 161 11.67 -26.33 -13.01
C THR A 161 11.49 -24.86 -12.62
N SER A 162 11.66 -23.98 -13.59
CA SER A 162 11.52 -22.54 -13.33
C SER A 162 10.88 -21.80 -14.50
N VAL A 163 10.01 -20.84 -14.17
CA VAL A 163 9.43 -19.98 -15.20
C VAL A 163 9.47 -18.53 -14.74
N LEU A 164 10.01 -17.68 -15.60
CA LEU A 164 10.13 -16.26 -15.30
C LEU A 164 8.93 -15.52 -15.86
N LEU A 165 8.12 -14.95 -14.97
CA LEU A 165 6.93 -14.21 -15.36
C LEU A 165 7.18 -12.70 -15.34
N ASN A 166 7.90 -12.21 -16.34
CA ASN A 166 8.21 -10.79 -16.42
C ASN A 166 7.11 -10.00 -17.10
N ASN A 167 7.41 -8.75 -17.47
CA ASN A 167 6.43 -7.89 -18.12
C ASN A 167 5.29 -7.49 -17.20
N LEU A 168 5.63 -7.15 -15.96
CA LEU A 168 4.63 -6.75 -14.98
C LEU A 168 4.79 -5.29 -14.57
N HIS A 169 4.33 -4.95 -13.38
CA HIS A 169 4.43 -3.59 -12.88
C HIS A 169 4.90 -3.60 -11.42
N PRO A 170 5.70 -2.60 -11.05
CA PRO A 170 6.19 -2.44 -9.68
C PRO A 170 5.05 -2.30 -8.68
N ARG A 171 5.28 -2.71 -7.43
CA ARG A 171 4.31 -2.56 -6.35
C ARG A 171 2.92 -3.14 -6.62
N GLU A 172 2.84 -4.25 -7.35
CA GLU A 172 1.55 -4.90 -7.57
C GLU A 172 1.54 -6.34 -7.06
N GLN A 173 0.35 -6.84 -6.73
CA GLN A 173 0.18 -8.20 -6.25
C GLN A 173 -0.27 -9.11 -7.39
N TYR A 174 0.21 -10.35 -7.37
CA TYR A 174 -0.12 -11.30 -8.43
C TYR A 174 -0.41 -12.68 -7.86
N VAL A 176 -0.52 -16.65 -8.68
CA VAL A 176 0.04 -17.60 -9.63
C VAL A 176 -0.23 -19.03 -9.18
N ARG A 177 -0.83 -19.82 -10.06
CA ARG A 177 -1.02 -21.23 -9.80
C ARG A 177 -0.53 -22.02 -11.00
N ALA A 178 -0.27 -23.30 -10.78
CA ALA A 178 0.29 -24.14 -11.82
C ALA A 178 -0.34 -25.52 -11.82
N ARG A 179 -0.20 -26.23 -12.92
CA ARG A 179 -0.69 -27.61 -13.02
C ARG A 179 0.10 -28.37 -14.07
N VAL A 180 0.18 -29.69 -13.91
CA VAL A 180 0.89 -30.52 -14.86
C VAL A 180 -0.10 -31.24 -15.77
N ASN A 181 0.02 -31.03 -17.07
CA ASN A 181 -0.89 -31.63 -18.03
C ASN A 181 -0.23 -32.63 -18.97
N THR A 182 -1.04 -33.57 -19.45
CA THR A 182 -0.68 -34.42 -20.56
C THR A 182 -1.77 -34.18 -21.60
N LYS A 183 -2.56 -35.21 -21.87
CA LYS A 183 -3.81 -35.04 -22.61
C LYS A 183 -4.91 -34.93 -21.57
N ALA A 184 -4.59 -35.40 -20.37
CA ALA A 184 -5.46 -35.23 -19.22
C ALA A 184 -5.02 -33.96 -18.47
N GLN A 185 -5.98 -33.10 -18.15
CA GLN A 185 -5.68 -31.85 -17.46
C GLN A 185 -5.39 -32.09 -15.98
N GLY A 186 -4.38 -31.39 -15.47
CA GLY A 186 -3.94 -31.58 -14.09
C GLY A 186 -4.73 -30.81 -13.07
N GLU A 187 -4.51 -31.17 -11.80
CA GLU A 187 -5.14 -30.47 -10.68
C GLU A 187 -4.43 -29.13 -10.51
N TRP A 188 -5.19 -28.05 -10.39
CA TRP A 188 -4.58 -26.74 -10.15
C TRP A 188 -4.00 -26.72 -8.75
N SER A 189 -2.82 -26.14 -8.61
CA SER A 189 -2.21 -25.97 -7.30
C SER A 189 -2.96 -24.88 -6.54
N GLU A 190 -2.65 -24.73 -5.26
CA GLU A 190 -3.17 -23.60 -4.50
C GLU A 190 -2.55 -22.33 -5.07
N ASP A 191 -3.29 -21.23 -5.05
CA ASP A 191 -2.78 -19.97 -5.55
C ASP A 191 -1.59 -19.51 -4.72
N LEU A 192 -0.56 -19.01 -5.39
CA LEU A 192 0.55 -18.37 -4.68
C LEU A 192 0.50 -16.88 -4.96
N THR A 193 0.53 -16.06 -3.92
CA THR A 193 0.50 -14.61 -4.09
C THR A 193 1.83 -13.99 -3.70
N ALA A 194 2.31 -13.08 -4.53
CA ALA A 194 3.56 -12.38 -4.24
C ALA A 194 3.55 -10.96 -4.78
N TRP A 195 4.34 -10.08 -4.18
CA TRP A 195 4.43 -8.69 -4.61
C TRP A 195 5.64 -8.48 -5.50
N THR A 196 5.47 -7.71 -6.56
CA THR A 196 6.62 -7.25 -7.34
C THR A 196 7.41 -6.28 -6.46
N LEU A 197 8.70 -6.14 -6.73
CA LEU A 197 9.53 -5.23 -5.93
C LEU A 197 9.14 -3.76 -6.15
N SER A 198 9.35 -2.94 -5.12
CA SER A 198 9.01 -1.52 -5.19
C SER A 198 9.91 -0.75 -6.16
N ASP A 199 9.37 0.32 -6.73
CA ASP A 199 10.16 1.21 -7.58
C ASP A 199 10.55 2.46 -6.80
N ILE A 200 9.98 2.58 -5.60
CA ILE A 200 10.21 3.75 -4.75
C ILE A 200 10.44 3.35 -3.29
N LEU A 201 10.91 4.31 -2.50
CA LEU A 201 11.15 4.11 -1.08
C LEU A 201 9.85 3.90 -0.33
N PRO A 202 9.91 3.16 0.80
CA PRO A 202 8.69 2.88 1.57
C PRO A 202 8.23 4.09 2.36
N PRO A 203 6.90 4.28 2.48
CA PRO A 203 6.35 5.23 3.44
C PRO A 203 6.85 4.89 4.84
N GLN A 204 6.99 5.89 5.70
CA GLN A 204 7.37 5.64 7.09
C GLN A 204 6.24 4.89 7.76
N PRO A 205 6.56 4.11 8.80
CA PRO A 205 5.51 3.46 9.59
C PRO A 205 4.59 4.49 10.25
N GLU A 206 3.32 4.15 10.42
CA GLU A 206 2.35 5.06 11.03
C GLU A 206 1.57 4.39 12.15
N ASN A 207 0.65 5.13 12.75
CA ASN A 207 -0.08 4.67 13.92
C ASN A 207 0.85 4.21 15.03
N ILE A 208 1.94 4.95 15.23
CA ILE A 208 2.89 4.65 16.29
C ILE A 208 2.25 4.91 17.65
N LYS A 209 2.28 3.90 18.51
CA LYS A 209 1.71 4.02 19.85
C LYS A 209 2.65 3.49 20.91
N ILE A 210 2.88 4.29 21.95
CA ILE A 210 3.73 3.89 23.07
C ILE A 210 2.90 3.76 24.35
N SER A 211 2.66 2.52 24.78
CA SER A 211 1.88 2.27 25.99
C SER A 211 2.66 1.48 27.04
N ASN A 212 1.94 0.92 28.02
CA ASN A 212 2.58 0.15 29.08
C ASN A 212 3.91 0.73 29.57
N ILE A 213 3.92 2.05 29.81
CA ILE A 213 5.09 2.70 30.34
C ILE A 213 5.32 2.23 31.78
N THR A 214 6.55 1.85 32.08
CA THR A 214 6.94 1.56 33.45
C THR A 214 8.16 2.42 33.76
N HIS A 215 8.89 2.07 34.81
CA HIS A 215 10.13 2.76 35.12
C HIS A 215 11.26 2.08 34.38
N SER A 216 10.97 0.90 33.86
CA SER A 216 11.97 0.06 33.21
C SER A 216 11.67 -0.19 31.75
N SER A 217 10.40 -0.10 31.34
CA SER A 217 10.12 -0.39 29.94
C SER A 217 8.96 0.37 29.30
N ALA A 218 8.54 -0.16 28.17
CA ALA A 218 7.45 0.40 27.35
C ALA A 218 7.10 -0.56 26.20
N ILE A 220 6.07 -0.53 22.23
CA ILE A 220 5.92 0.27 21.02
C ILE A 220 5.18 -0.51 19.94
N SER A 221 4.10 0.08 19.44
CA SER A 221 3.34 -0.50 18.34
C SER A 221 3.45 0.42 17.13
N TRP A 222 3.18 -0.12 15.94
CA TRP A 222 3.25 0.68 14.72
C TRP A 222 2.55 -0.05 13.58
N THR A 223 2.33 0.68 12.49
CA THR A 223 1.70 0.09 11.30
C THR A 223 2.52 0.45 10.06
N ILE A 224 2.82 -0.55 9.23
CA ILE A 224 3.47 -0.30 7.96
C ILE A 224 2.53 -0.62 6.82
N LEU A 225 2.82 -0.09 5.64
CA LEU A 225 1.98 -0.31 4.47
C LEU A 225 2.41 -1.53 3.69
N ASP A 226 1.45 -2.41 3.43
CA ASP A 226 1.69 -3.61 2.64
C ASP A 226 1.87 -3.18 1.18
N GLY A 227 2.74 -3.87 0.45
CA GLY A 227 2.90 -3.61 -0.98
C GLY A 227 4.15 -2.87 -1.37
N TYR A 228 5.02 -2.56 -0.41
CA TYR A 228 6.26 -1.85 -0.71
C TYR A 228 7.50 -2.73 -0.56
N SER A 229 7.30 -4.04 -0.46
CA SER A 229 8.39 -5.01 -0.32
C SER A 229 9.26 -4.68 0.89
N ILE A 230 8.62 -4.26 1.97
CA ILE A 230 9.32 -3.95 3.22
C ILE A 230 9.80 -5.24 3.89
N SER A 231 11.12 -5.36 4.05
CA SER A 231 11.74 -6.58 4.56
C SER A 231 12.32 -6.42 5.98
N SER A 232 12.50 -5.19 6.42
CA SER A 232 13.10 -4.97 7.73
C SER A 232 12.55 -3.73 8.44
N ILE A 233 12.60 -3.75 9.78
CA ILE A 233 12.20 -2.62 10.59
C ILE A 233 13.30 -2.27 11.58
N THR A 234 13.67 -1.00 11.66
CA THR A 234 14.69 -0.57 12.61
C THR A 234 14.11 0.38 13.64
N ILE A 235 14.15 -0.03 14.91
CA ILE A 235 13.75 0.83 16.01
C ILE A 235 15.02 1.38 16.67
N ARG A 236 15.25 2.68 16.51
CA ARG A 236 16.44 3.33 17.05
C ARG A 236 16.09 4.25 18.20
N TYR A 237 16.70 4.01 19.36
CA TYR A 237 16.41 4.83 20.52
C TYR A 237 17.67 5.22 21.28
N LYS A 238 17.75 6.51 21.64
CA LYS A 238 18.86 7.02 22.42
C LYS A 238 18.29 7.81 23.59
N VAL A 239 19.14 8.14 24.55
CA VAL A 239 18.72 9.00 25.64
C VAL A 239 18.69 10.42 25.09
N GLN A 240 17.65 11.17 25.38
CA GLN A 240 17.54 12.53 24.90
C GLN A 240 18.71 13.32 25.40
N GLY A 241 19.38 14.00 24.50
CA GLY A 241 20.54 14.79 24.89
C GLY A 241 21.12 15.47 23.68
N ASN A 243 24.36 15.76 22.24
CA ASN A 243 25.04 14.78 21.48
C ASN A 243 25.04 13.59 22.43
N GLU A 244 25.23 12.42 21.89
CA GLU A 244 25.25 11.24 22.73
C GLU A 244 26.37 10.38 22.24
N ASP A 245 26.97 9.65 23.16
CA ASP A 245 28.10 8.81 22.78
C ASP A 245 27.67 7.42 22.34
N GLN A 246 26.38 7.13 22.45
CA GLN A 246 25.88 5.81 22.11
C GLN A 246 24.39 5.80 21.81
N HIS A 247 23.96 4.83 21.01
CA HIS A 247 22.54 4.58 20.80
C HIS A 247 22.31 3.11 20.46
N VAL A 248 21.04 2.71 20.42
CA VAL A 248 20.68 1.31 20.23
C VAL A 248 19.79 1.11 19.02
N ASP A 249 20.11 0.14 18.18
CA ASP A 249 19.31 -0.15 17.00
C ASP A 249 18.68 -1.53 17.09
N VAL A 250 17.39 -1.57 17.38
CA VAL A 250 16.65 -2.84 17.32
C VAL A 250 16.38 -3.15 15.85
N LYS A 251 16.82 -4.32 15.40
CA LYS A 251 16.70 -4.69 14.00
C LYS A 251 15.71 -5.84 13.83
N ILE A 252 14.55 -5.55 13.26
CA ILE A 252 13.52 -6.57 13.08
C ILE A 252 13.46 -7.03 11.62
N LYS A 253 13.74 -8.32 11.40
CA LYS A 253 13.77 -8.86 10.04
C LYS A 253 12.42 -9.45 9.59
N ASN A 254 11.53 -9.68 10.54
CA ASN A 254 10.17 -10.10 10.21
C ASN A 254 9.28 -8.88 10.14
N ALA A 255 8.88 -8.49 8.94
CA ALA A 255 8.12 -7.26 8.76
C ALA A 255 6.64 -7.42 9.12
N THR A 256 6.30 -8.55 9.73
CA THR A 256 4.94 -8.81 10.16
C THR A 256 4.79 -8.50 11.65
N ILE A 257 5.92 -8.23 12.30
CA ILE A 257 5.91 -7.81 13.70
C ILE A 257 5.52 -6.34 13.75
N THR A 258 4.52 -6.03 14.57
CA THR A 258 4.01 -4.66 14.64
C THR A 258 4.09 -4.09 16.05
N GLN A 259 4.59 -4.91 16.97
CA GLN A 259 4.80 -4.47 18.34
C GLN A 259 6.23 -4.80 18.76
N TYR A 260 6.67 -4.27 19.86
CA TYR A 260 7.99 -4.56 20.39
C TYR A 260 8.07 -4.08 21.81
N GLN A 261 8.60 -4.93 22.68
CA GLN A 261 8.70 -4.61 24.08
C GLN A 261 10.09 -4.18 24.46
N LEU A 262 10.29 -2.90 24.60
CA LEU A 262 11.56 -2.35 24.99
C LEU A 262 11.75 -2.64 26.44
N LYS A 263 12.90 -3.18 26.81
CA LYS A 263 13.16 -3.48 28.20
C LYS A 263 14.53 -2.98 28.63
N GLY A 264 14.72 -2.86 29.94
CA GLY A 264 15.97 -2.40 30.51
C GLY A 264 16.17 -0.93 30.32
N LEU A 265 15.21 -0.15 30.76
CA LEU A 265 15.28 1.29 30.56
C LEU A 265 15.42 2.03 31.89
N GLU A 266 16.28 3.04 31.91
CA GLU A 266 16.52 3.82 33.12
C GLU A 266 15.24 4.54 33.56
N PRO A 267 15.00 4.56 34.86
CA PRO A 267 13.81 5.22 35.41
C PRO A 267 13.94 6.74 35.37
N GLU A 268 12.82 7.44 35.31
CA GLU A 268 12.82 8.89 35.28
C GLU A 268 13.79 9.42 34.22
N THR A 269 13.53 9.06 32.97
CA THR A 269 14.39 9.50 31.87
C THR A 269 13.60 9.67 30.58
N ALA A 270 14.10 10.51 29.68
CA ALA A 270 13.46 10.77 28.40
C ALA A 270 14.24 10.20 27.22
N TYR A 271 13.55 9.43 26.37
CA TYR A 271 14.18 8.79 25.22
C TYR A 271 13.65 9.32 23.89
N GLN A 272 14.53 9.38 22.89
CA GLN A 272 14.12 9.68 21.53
C GLN A 272 14.02 8.39 20.72
N VAL A 273 12.81 8.04 20.33
CA VAL A 273 12.57 6.80 19.59
C VAL A 273 12.24 7.05 18.13
N ASP A 274 13.04 6.46 17.24
CA ASP A 274 12.78 6.55 15.81
C ASP A 274 12.56 5.16 15.24
N ILE A 275 11.61 5.06 14.29
CA ILE A 275 11.30 3.80 13.63
C ILE A 275 11.43 3.92 12.11
N PHE A 276 12.22 3.05 11.50
CA PHE A 276 12.42 3.06 10.06
C PHE A 276 11.84 1.83 9.37
N ALA A 277 11.70 1.91 8.06
CA ALA A 277 11.16 0.83 7.25
C ALA A 277 12.14 0.63 6.11
N GLU A 278 12.55 -0.61 5.87
CA GLU A 278 13.52 -0.84 4.79
C GLU A 278 12.96 -1.73 3.69
N ASN A 279 13.26 -1.38 2.44
CA ASN A 279 12.96 -2.25 1.31
C ASN A 279 14.10 -2.31 0.28
N ASN A 280 13.78 -2.80 -0.91
CA ASN A 280 14.77 -2.99 -1.97
C ASN A 280 15.42 -1.70 -2.46
N ILE A 281 14.66 -0.61 -2.42
CA ILE A 281 15.17 0.70 -2.83
C ILE A 281 15.99 1.33 -1.70
N GLY A 282 15.54 1.12 -0.46
CA GLY A 282 16.23 1.67 0.70
C GLY A 282 15.39 1.87 1.94
N SER A 283 15.67 2.97 2.66
CA SER A 283 15.07 3.22 3.97
C SER A 283 14.08 4.38 3.94
N SER A 284 13.06 4.29 4.78
CA SER A 284 12.02 5.33 4.84
C SER A 284 12.48 6.50 5.70
N ASN A 285 11.71 7.59 5.70
CA ASN A 285 11.93 8.66 6.65
C ASN A 285 11.58 8.15 8.04
N PRO A 286 12.27 8.65 9.08
CA PRO A 286 12.04 8.10 10.43
C PRO A 286 10.68 8.48 10.99
N ALA A 287 10.07 7.56 11.72
CA ALA A 287 8.84 7.82 12.45
C ALA A 287 9.20 8.15 13.89
N PHE A 288 9.33 9.44 14.18
CA PHE A 288 9.76 9.93 15.48
C PHE A 288 8.68 9.77 16.55
N SER A 289 9.12 9.90 17.79
CA SER A 289 8.23 9.99 18.94
C SER A 289 9.11 10.41 20.11
N HIS A 290 8.76 11.54 20.72
CA HIS A 290 9.49 12.03 21.88
C HIS A 290 8.77 11.53 23.14
N GLU A 291 7.77 10.69 22.92
CA GLU A 291 6.81 10.30 23.96
C GLU A 291 7.24 9.20 24.92
N LEU A 292 8.49 8.76 24.83
CA LEU A 292 9.01 7.73 25.74
C LEU A 292 9.70 8.32 26.98
N VAL A 293 8.92 8.52 28.04
CA VAL A 293 9.40 9.03 29.31
C VAL A 293 8.93 8.06 30.39
N THR A 294 9.87 7.30 30.95
CA THR A 294 9.57 6.29 31.96
C THR A 294 9.11 6.84 33.30
N LEU A 295 8.65 5.96 34.17
CA LEU A 295 8.22 6.37 35.49
C LEU A 295 9.34 6.17 36.45
N PRO A 296 9.33 6.91 37.55
CA PRO A 296 10.37 6.80 38.57
C PRO A 296 10.41 5.42 39.22
N GLU A 297 11.50 5.09 39.87
CA GLU A 297 11.65 3.79 40.53
C GLU A 297 10.38 3.42 41.30
N SER A 298 9.66 4.44 41.77
CA SER A 298 8.43 4.22 42.52
C SER A 298 7.25 3.98 41.59
N LYS B 5 18.66 87.88 17.00
CA LYS B 5 19.35 86.60 17.05
C LYS B 5 18.50 85.50 16.43
N VAL B 6 18.92 85.03 15.26
CA VAL B 6 18.20 83.98 14.56
C VAL B 6 18.34 82.64 15.28
N LEU B 7 17.21 82.01 15.57
CA LEU B 7 17.21 80.72 16.25
C LEU B 7 17.79 79.62 15.36
N PRO B 8 18.69 78.79 15.92
CA PRO B 8 19.44 77.80 15.14
C PRO B 8 18.56 76.70 14.56
N LYS B 9 19.00 76.11 13.45
CA LYS B 9 18.22 75.13 12.70
C LYS B 9 19.17 74.27 11.87
N PRO B 10 19.16 72.94 12.09
CA PRO B 10 20.10 72.01 11.47
C PRO B 10 20.18 72.13 9.94
N LEU B 11 21.36 71.84 9.40
CA LEU B 11 21.57 71.87 7.95
C LEU B 11 21.02 70.60 7.29
N ASN B 12 21.32 69.46 7.87
CA ASN B 12 20.96 68.17 7.27
C ASN B 12 19.89 67.41 8.05
N ALA B 13 19.11 66.61 7.32
CA ALA B 13 18.14 65.72 7.92
C ALA B 13 18.87 64.67 8.76
N PRO B 14 18.19 64.12 9.78
CA PRO B 14 18.80 63.06 10.58
C PRO B 14 19.13 61.83 9.72
N ASN B 15 20.11 61.04 10.15
CA ASN B 15 20.50 59.84 9.40
C ASN B 15 20.18 58.56 10.16
N VAL B 16 19.50 57.63 9.49
CA VAL B 16 19.24 56.33 10.09
C VAL B 16 20.48 55.45 9.96
N ILE B 17 20.94 54.90 11.09
CA ILE B 17 22.17 54.12 11.10
C ILE B 17 21.90 52.63 11.06
N ASP B 18 20.96 52.19 11.90
CA ASP B 18 20.58 50.78 11.94
C ASP B 18 19.07 50.68 12.21
N THR B 19 18.38 49.89 11.41
CA THR B 19 16.95 49.70 11.60
C THR B 19 16.58 48.27 11.89
N GLY B 20 15.71 48.05 12.86
CA GLY B 20 15.26 46.73 13.18
C GLY B 20 13.80 46.57 12.77
N HIS B 21 13.07 45.81 13.58
CA HIS B 21 11.66 45.57 13.32
C HIS B 21 10.91 46.20 14.47
N ASN B 22 11.67 46.60 15.50
CA ASN B 22 11.10 47.23 16.66
C ASN B 22 12.01 48.32 17.22
N PHE B 23 12.93 48.81 16.41
CA PHE B 23 13.84 49.84 16.91
C PHE B 23 14.61 50.54 15.80
N ALA B 24 14.80 51.85 15.97
CA ALA B 24 15.54 52.64 15.00
C ALA B 24 16.66 53.46 15.65
N VAL B 25 17.88 53.29 15.16
CA VAL B 25 19.02 54.03 15.72
C VAL B 25 19.31 55.22 14.82
N ILE B 26 19.33 56.40 15.40
CA ILE B 26 19.38 57.63 14.61
C ILE B 26 20.52 58.56 14.99
N ASN B 27 21.20 59.09 13.98
CA ASN B 27 22.08 60.24 14.17
C ASN B 27 21.29 61.49 13.82
N ILE B 28 20.96 62.29 14.83
CA ILE B 28 20.04 63.40 14.64
C ILE B 28 20.59 64.54 13.77
N SER B 29 21.88 64.52 13.48
CA SER B 29 22.53 65.55 12.65
C SER B 29 22.24 66.98 13.13
N SER B 30 22.31 67.20 14.44
CA SER B 30 22.06 68.52 15.02
C SER B 30 23.00 69.58 14.42
N GLU B 31 24.30 69.32 14.54
CA GLU B 31 25.32 70.16 13.94
C GLU B 31 25.77 69.54 12.61
N PRO B 32 26.05 70.37 11.59
CA PRO B 32 26.04 71.83 11.63
C PRO B 32 24.64 72.43 11.51
N TYR B 33 24.48 73.65 12.02
CA TYR B 33 23.22 74.37 11.95
C TYR B 33 23.37 75.72 11.24
N PHE B 34 22.26 76.40 11.06
CA PHE B 34 22.26 77.78 10.58
C PHE B 34 21.69 78.63 11.70
N GLY B 35 22.32 79.78 11.96
CA GLY B 35 21.87 80.68 13.01
C GLY B 35 22.98 80.99 14.00
N ASP B 36 22.58 81.32 15.22
CA ASP B 36 23.54 81.68 16.19
C ASP B 36 23.56 80.71 17.33
N GLY B 37 24.76 80.30 17.69
CA GLY B 37 24.94 79.40 18.81
C GLY B 37 24.87 80.18 20.10
N PRO B 38 25.17 79.58 21.24
CA PRO B 38 25.51 78.16 21.29
C PRO B 38 24.25 77.36 21.56
N ILE B 39 24.35 76.05 21.43
CA ILE B 39 23.22 75.17 21.65
C ILE B 39 23.16 74.59 23.03
N LYS B 40 22.04 74.73 23.70
CA LYS B 40 21.89 74.20 25.04
C LYS B 40 20.96 72.99 25.14
N SER B 41 20.28 72.65 24.08
CA SER B 41 19.41 71.48 24.12
C SER B 41 19.06 71.00 22.72
N LYS B 42 19.11 69.69 22.52
CA LYS B 42 18.79 69.10 21.22
C LYS B 42 17.60 68.15 21.34
N LYS B 43 16.58 68.36 20.51
CA LYS B 43 15.37 67.54 20.59
C LYS B 43 15.09 66.81 19.28
N LEU B 44 14.94 65.49 19.36
CA LEU B 44 14.52 64.68 18.22
C LEU B 44 13.02 64.42 18.29
N LEU B 45 12.30 64.78 17.23
CA LEU B 45 10.87 64.53 17.18
C LEU B 45 10.57 63.43 16.18
N TYR B 46 9.75 62.47 16.60
CA TYR B 46 9.50 61.29 15.77
C TYR B 46 8.04 60.87 15.82
N LYS B 47 7.56 60.25 14.74
CA LYS B 47 6.14 59.98 14.60
C LYS B 47 5.87 59.03 13.43
N PRO B 48 5.04 58.00 13.68
CA PRO B 48 4.61 57.11 12.59
C PRO B 48 3.72 57.84 11.60
N VAL B 49 4.08 57.78 10.32
CA VAL B 49 3.31 58.43 9.25
C VAL B 49 1.87 57.92 9.21
N ASN B 50 0.93 58.82 8.89
CA ASN B 50 -0.49 58.48 8.75
C ASN B 50 -1.13 58.04 10.06
N HIS B 51 -0.51 58.42 11.17
CA HIS B 51 -1.11 58.22 12.49
C HIS B 51 -1.50 59.58 13.02
N TYR B 52 -2.79 59.81 13.21
CA TYR B 52 -3.23 61.11 13.71
C TYR B 52 -2.92 61.22 15.18
N GLU B 53 -1.75 61.76 15.49
CA GLU B 53 -1.33 61.93 16.87
C GLU B 53 -0.25 63.01 16.92
N ALA B 54 0.03 63.52 18.11
CA ALA B 54 1.07 64.52 18.25
C ALA B 54 2.43 63.84 18.05
N TRP B 55 3.43 64.63 17.68
CA TRP B 55 4.78 64.09 17.55
C TRP B 55 5.30 63.72 18.92
N GLN B 56 6.06 62.63 18.99
CA GLN B 56 6.76 62.29 20.21
C GLN B 56 8.14 62.94 20.15
N HIS B 57 8.81 63.00 21.29
CA HIS B 57 10.11 63.65 21.33
C HIS B 57 10.99 63.14 22.47
N ILE B 58 12.30 63.25 22.29
CA ILE B 58 13.24 63.04 23.39
C ILE B 58 14.41 64.02 23.26
N GLN B 59 14.98 64.38 24.40
CA GLN B 59 16.17 65.23 24.41
C GLN B 59 17.38 64.36 24.09
N VAL B 60 18.25 64.83 23.22
CA VAL B 60 19.45 64.08 22.88
C VAL B 60 20.67 64.79 23.43
N THR B 61 21.39 64.12 24.34
CA THR B 61 22.60 64.68 24.92
C THR B 61 23.67 64.88 23.86
N ASN B 62 23.94 63.82 23.10
CA ASN B 62 24.97 63.86 22.07
C ASN B 62 24.42 63.92 20.64
N GLU B 63 24.86 63.00 19.80
CA GLU B 63 24.44 62.97 18.40
C GLU B 63 23.67 61.70 18.08
N ILE B 64 23.95 60.64 18.84
CA ILE B 64 23.45 59.32 18.53
C ILE B 64 22.38 58.86 19.51
N VAL B 65 21.24 58.42 18.98
CA VAL B 65 20.12 58.00 19.81
C VAL B 65 19.40 56.78 19.23
N THR B 66 18.87 55.94 20.12
CA THR B 66 18.15 54.74 19.72
C THR B 66 16.68 54.83 20.09
N LEU B 67 15.80 54.71 19.09
CA LEU B 67 14.37 54.68 19.33
C LEU B 67 13.90 53.23 19.48
N ASN B 68 13.42 52.87 20.66
CA ASN B 68 12.95 51.52 20.88
C ASN B 68 11.43 51.43 20.81
N TYR B 69 10.90 50.27 21.14
CA TYR B 69 9.45 50.06 21.27
C TYR B 69 8.68 50.38 19.98
N LEU B 70 9.31 50.17 18.83
CA LEU B 70 8.67 50.49 17.56
C LEU B 70 7.79 49.36 17.03
N GLU B 71 7.11 49.63 15.92
CA GLU B 71 6.24 48.65 15.29
C GLU B 71 6.83 48.20 13.96
N PRO B 72 6.58 46.93 13.60
CA PRO B 72 7.11 46.33 12.37
C PRO B 72 6.61 47.03 11.11
N ARG B 73 7.48 47.15 10.11
CA ARG B 73 7.13 47.67 8.79
C ARG B 73 6.38 49.01 8.77
N THR B 74 6.60 49.83 9.80
CA THR B 74 5.95 51.12 9.91
C THR B 74 6.90 52.22 9.46
N GLU B 75 6.40 53.13 8.64
CA GLU B 75 7.20 54.29 8.24
C GLU B 75 7.12 55.34 9.33
N TYR B 76 8.27 55.91 9.69
CA TYR B 76 8.32 56.96 10.69
C TYR B 76 8.98 58.19 10.07
N GLU B 77 8.65 59.36 10.61
CA GLU B 77 9.29 60.58 10.17
C GLU B 77 10.07 61.21 11.32
N LEU B 78 11.19 61.85 10.99
CA LEU B 78 12.09 62.38 11.99
C LEU B 78 12.49 63.80 11.64
N CYS B 79 12.58 64.65 12.66
CA CYS B 79 13.16 65.97 12.50
C CYS B 79 13.73 66.43 13.83
N VAL B 80 14.57 67.45 13.80
CA VAL B 80 15.28 67.89 14.99
C VAL B 80 15.05 69.37 15.29
N GLN B 81 14.79 69.67 16.56
CA GLN B 81 14.70 71.05 17.03
C GLN B 81 15.84 71.39 18.00
N LEU B 82 16.40 72.59 17.85
CA LEU B 82 17.49 73.04 18.70
C LEU B 82 17.13 74.33 19.44
N VAL B 83 17.61 74.45 20.67
CA VAL B 83 17.34 75.64 21.48
C VAL B 83 18.61 76.41 21.78
N ARG B 84 18.61 77.70 21.47
CA ARG B 84 19.77 78.55 21.70
C ARG B 84 19.91 78.90 23.18
N GLY B 89 14.52 80.70 22.49
CA GLY B 89 13.60 79.58 22.65
C GLY B 89 13.83 78.49 21.63
N GLU B 90 12.77 77.75 21.31
CA GLU B 90 12.86 76.66 20.34
C GLU B 90 12.86 77.20 18.91
N GLY B 91 13.74 76.66 18.07
CA GLY B 91 13.84 77.09 16.70
C GLY B 91 13.03 76.22 15.76
N HIS B 92 13.15 76.46 14.46
CA HIS B 92 12.43 75.70 13.45
C HIS B 92 12.99 74.29 13.33
N PRO B 93 12.11 73.31 13.09
CA PRO B 93 12.56 71.94 12.83
C PRO B 93 13.49 71.88 11.62
N GLY B 94 14.49 71.00 11.67
CA GLY B 94 15.38 70.81 10.54
C GLY B 94 14.71 69.94 9.48
N PRO B 95 15.44 69.62 8.41
CA PRO B 95 14.92 68.76 7.33
C PRO B 95 14.41 67.42 7.87
N VAL B 96 13.38 66.88 7.24
CA VAL B 96 12.74 65.64 7.69
C VAL B 96 13.38 64.40 7.09
N ARG B 97 13.57 63.37 7.91
CA ARG B 97 14.00 62.06 7.45
C ARG B 97 12.87 61.06 7.64
N ARG B 98 12.57 60.31 6.59
CA ARG B 98 11.59 59.23 6.69
C ARG B 98 12.30 57.90 6.53
N PHE B 99 11.92 56.93 7.33
CA PHE B 99 12.46 55.58 7.19
C PHE B 99 11.38 54.58 7.53
N THR B 100 11.53 53.35 7.06
CA THR B 100 10.60 52.29 7.40
C THR B 100 11.31 51.20 8.18
N THR B 101 10.69 50.71 9.24
CA THR B 101 11.24 49.60 10.02
C THR B 101 11.25 48.29 9.21
N ALA B 102 11.81 47.24 9.80
CA ALA B 102 12.00 45.99 9.07
C ALA B 102 10.83 45.02 9.20
N SER B 103 10.68 44.15 8.19
CA SER B 103 9.66 43.12 8.19
C SER B 103 9.98 42.04 9.22
N ILE B 104 8.96 41.51 9.88
CA ILE B 104 9.11 40.30 10.68
C ILE B 104 8.57 39.11 9.89
N GLY B 105 8.88 37.90 10.35
CA GLY B 105 8.41 36.71 9.67
C GLY B 105 6.90 36.52 9.79
N LEU B 106 6.26 36.16 8.69
CA LEU B 106 4.82 35.89 8.70
C LEU B 106 4.53 34.42 8.99
N PRO B 107 3.50 34.16 9.82
CA PRO B 107 3.01 32.80 10.05
C PRO B 107 2.50 32.19 8.74
N PRO B 108 2.51 30.86 8.63
CA PRO B 108 2.06 30.18 7.40
C PRO B 108 0.58 30.45 7.12
N PRO B 109 0.17 30.31 5.85
CA PRO B 109 -1.22 30.57 5.47
C PRO B 109 -2.21 29.67 6.22
N ARG B 110 -3.46 30.12 6.33
CA ARG B 110 -4.47 29.41 7.10
C ARG B 110 -5.34 28.50 6.24
N GLY B 111 -5.93 27.49 6.87
CA GLY B 111 -6.77 26.53 6.17
C GLY B 111 -6.07 25.81 5.05
N LEU B 112 -4.85 25.33 5.32
CA LEU B 112 -4.08 24.61 4.31
C LEU B 112 -4.68 23.24 4.03
N ASN B 113 -4.88 22.97 2.75
CA ASN B 113 -5.42 21.68 2.34
C ASN B 113 -4.69 21.14 1.12
N LEU B 114 -4.21 19.90 1.23
CA LEU B 114 -3.55 19.23 0.11
C LEU B 114 -4.44 18.08 -0.38
N LEU B 115 -4.90 18.18 -1.62
CA LEU B 115 -5.86 17.21 -2.14
C LEU B 115 -5.49 16.69 -3.53
N PRO B 116 -5.74 15.39 -3.76
CA PRO B 116 -5.57 14.76 -5.07
C PRO B 116 -6.54 15.36 -6.10
N LYS B 117 -6.01 15.64 -7.29
CA LYS B 117 -6.83 16.12 -8.40
C LYS B 117 -6.81 15.08 -9.51
N SER B 118 -5.76 14.25 -9.51
CA SER B 118 -5.63 13.16 -10.47
C SER B 118 -4.63 12.12 -9.98
N GLN B 119 -4.14 11.29 -10.90
CA GLN B 119 -3.14 10.29 -10.58
C GLN B 119 -1.74 10.89 -10.59
N THR B 120 -1.63 12.09 -11.16
CA THR B 120 -0.34 12.77 -11.29
C THR B 120 -0.36 14.18 -10.72
N THR B 121 -1.48 14.56 -10.11
CA THR B 121 -1.67 15.94 -9.68
C THR B 121 -2.23 16.09 -8.27
N LEU B 122 -1.58 16.93 -7.48
CA LEU B 122 -2.08 17.34 -6.18
C LEU B 122 -2.42 18.82 -6.21
N ASN B 123 -3.42 19.21 -5.44
CA ASN B 123 -3.76 20.61 -5.32
C ASN B 123 -3.61 21.06 -3.88
N LEU B 124 -2.81 22.11 -3.67
CA LEU B 124 -2.65 22.70 -2.35
C LEU B 124 -3.43 24.02 -2.28
N THR B 125 -4.31 24.15 -1.29
CA THR B 125 -5.07 25.39 -1.12
C THR B 125 -4.92 25.98 0.28
N TRP B 126 -5.09 27.28 0.38
CA TRP B 126 -5.08 27.98 1.66
C TRP B 126 -6.07 29.13 1.64
N GLN B 127 -6.40 29.67 2.81
CA GLN B 127 -7.30 30.81 2.90
C GLN B 127 -6.58 32.08 2.44
N PRO B 128 -7.33 33.02 1.81
CA PRO B 128 -6.74 34.27 1.35
C PRO B 128 -6.07 35.04 2.48
N ILE B 129 -4.98 35.74 2.18
CA ILE B 129 -4.10 36.29 3.21
C ILE B 129 -4.18 37.81 3.35
N PHE B 130 -4.32 38.28 4.59
CA PHE B 130 -4.34 39.71 4.88
C PHE B 130 -3.26 40.05 5.91
N PRO B 131 -2.09 40.49 5.42
CA PRO B 131 -0.94 40.85 6.25
C PRO B 131 -1.20 42.13 7.04
N SER B 132 -0.43 42.34 8.12
CA SER B 132 -0.53 43.55 8.91
C SER B 132 0.31 44.67 8.30
N SER B 133 0.88 44.42 7.12
CA SER B 133 1.67 45.42 6.39
C SER B 133 1.37 45.38 4.90
N GLU B 134 1.82 46.42 4.18
CA GLU B 134 1.62 46.51 2.74
C GLU B 134 2.82 45.96 1.99
N ASP B 135 3.50 44.99 2.60
CA ASP B 135 4.60 44.28 1.96
C ASP B 135 4.07 43.54 0.74
N ASP B 136 4.86 43.48 -0.33
CA ASP B 136 4.52 42.60 -1.43
C ASP B 136 4.94 41.19 -1.01
N PHE B 137 4.08 40.21 -1.22
CA PHE B 137 4.35 38.87 -0.72
C PHE B 137 4.10 37.76 -1.74
N TYR B 138 4.82 36.65 -1.57
CA TYR B 138 4.55 35.44 -2.34
C TYR B 138 4.54 34.26 -1.38
N VAL B 139 3.94 33.16 -1.81
CA VAL B 139 3.91 31.95 -1.00
C VAL B 139 4.96 30.98 -1.52
N GLU B 140 5.78 30.45 -0.63
CA GLU B 140 6.76 29.46 -1.04
C GLU B 140 6.25 28.08 -0.69
N VAL B 141 6.17 27.21 -1.69
CA VAL B 141 5.67 25.86 -1.48
C VAL B 141 6.78 24.83 -1.67
N GLU B 142 6.92 23.94 -0.69
CA GLU B 142 8.00 22.96 -0.68
C GLU B 142 7.46 21.53 -0.73
N ARG B 143 7.80 20.79 -1.78
CA ARG B 143 7.53 19.35 -1.81
C ARG B 143 8.73 18.62 -1.22
N ARG B 144 8.50 17.78 -0.22
CA ARG B 144 9.60 17.21 0.57
C ARG B 144 10.34 16.07 -0.13
N SER B 145 11.39 16.42 -0.89
CA SER B 145 12.19 15.43 -1.61
C SER B 145 13.45 15.05 -0.82
N ASN B 153 10.85 23.07 -5.23
CA ASN B 153 10.35 24.34 -4.73
C ASN B 153 9.67 25.12 -5.87
N ILE B 154 8.44 25.57 -5.64
CA ILE B 154 7.77 26.44 -6.60
C ILE B 154 7.27 27.71 -5.93
N LYS B 155 7.50 28.85 -6.58
CA LYS B 155 7.06 30.13 -6.05
C LYS B 155 5.78 30.58 -6.76
N VAL B 156 4.74 30.85 -5.98
CA VAL B 156 3.46 31.27 -6.52
C VAL B 156 3.12 32.66 -6.03
N PRO B 157 2.64 33.53 -6.93
CA PRO B 157 2.26 34.91 -6.58
C PRO B 157 1.27 34.95 -5.41
N GLY B 158 1.46 35.90 -4.50
CA GLY B 158 0.68 35.95 -3.27
C GLY B 158 -0.81 36.23 -3.42
N ASN B 159 -1.24 36.61 -4.61
CA ASN B 159 -2.67 36.88 -4.87
C ASN B 159 -3.42 35.60 -5.21
N LEU B 160 -2.73 34.46 -5.10
CA LEU B 160 -3.30 33.16 -5.42
C LEU B 160 -3.59 32.36 -4.14
N THR B 161 -4.56 31.45 -4.21
CA THR B 161 -4.93 30.66 -3.06
C THR B 161 -4.85 29.16 -3.36
N SER B 162 -4.41 28.84 -4.58
CA SER B 162 -4.30 27.45 -5.00
C SER B 162 -3.08 27.20 -5.88
N VAL B 163 -2.43 26.06 -5.66
CA VAL B 163 -1.25 25.69 -6.43
C VAL B 163 -1.36 24.24 -6.89
N LEU B 164 -1.18 24.01 -8.19
CA LEU B 164 -1.27 22.67 -8.75
C LEU B 164 0.09 22.00 -8.88
N LEU B 165 0.27 20.90 -8.16
CA LEU B 165 1.52 20.15 -8.19
C LEU B 165 1.42 19.02 -9.22
N ASN B 166 2.06 19.22 -10.38
CA ASN B 166 1.93 18.28 -11.49
C ASN B 166 3.03 17.22 -11.61
N ASN B 167 2.85 16.35 -12.60
CA ASN B 167 3.84 15.38 -13.02
C ASN B 167 4.31 14.41 -11.93
N LEU B 168 3.41 14.11 -11.01
CA LEU B 168 3.71 13.14 -9.96
C LEU B 168 3.39 11.74 -10.46
N HIS B 169 3.50 10.75 -9.58
CA HIS B 169 3.25 9.36 -9.96
C HIS B 169 2.06 8.78 -9.19
N PRO B 170 1.27 7.91 -9.86
CA PRO B 170 0.09 7.29 -9.26
C PRO B 170 0.43 6.51 -7.98
N ARG B 171 -0.52 6.47 -7.04
CA ARG B 171 -0.34 5.72 -5.79
C ARG B 171 0.88 6.11 -4.96
N GLU B 172 1.30 7.37 -5.06
CA GLU B 172 2.42 7.84 -4.25
C GLU B 172 1.97 8.78 -3.13
N GLN B 173 2.76 8.81 -2.05
CA GLN B 173 2.48 9.64 -0.90
C GLN B 173 3.46 10.80 -0.83
N TYR B 174 2.93 12.03 -0.80
CA TYR B 174 3.77 13.22 -0.81
C TYR B 174 3.56 14.09 0.41
N VAL B 176 4.08 18.08 1.81
CA VAL B 176 4.22 19.44 1.32
C VAL B 176 4.02 20.44 2.45
N ARG B 177 4.82 21.50 2.46
CA ARG B 177 4.69 22.57 3.44
C ARG B 177 4.76 23.92 2.73
N ALA B 178 4.26 24.96 3.39
CA ALA B 178 4.24 26.29 2.79
C ALA B 178 4.65 27.36 3.80
N ARG B 179 5.04 28.52 3.27
CA ARG B 179 5.31 29.68 4.11
C ARG B 179 5.11 30.95 3.30
N VAL B 180 4.94 32.07 3.99
CA VAL B 180 4.70 33.34 3.32
C VAL B 180 5.96 34.20 3.37
N ASN B 181 6.44 34.56 2.19
CA ASN B 181 7.66 35.37 2.08
C ASN B 181 7.40 36.80 1.63
N THR B 182 7.90 37.76 2.39
CA THR B 182 7.91 39.16 1.99
C THR B 182 9.35 39.56 1.67
N LYS B 183 9.97 40.31 2.58
CA LYS B 183 11.41 40.50 2.54
C LYS B 183 11.99 39.58 3.58
N ALA B 184 11.25 39.41 4.66
CA ALA B 184 11.55 38.41 5.66
C ALA B 184 11.12 37.05 5.12
N GLN B 185 11.65 35.99 5.71
CA GLN B 185 11.23 34.64 5.35
C GLN B 185 10.25 34.15 6.40
N GLY B 186 9.20 33.46 5.96
CA GLY B 186 8.12 33.10 6.86
C GLY B 186 8.32 31.83 7.67
N GLU B 187 7.45 31.64 8.67
CA GLU B 187 7.43 30.41 9.44
C GLU B 187 6.85 29.30 8.58
N TRP B 188 7.51 28.14 8.57
CA TRP B 188 7.04 27.02 7.76
C TRP B 188 5.77 26.43 8.36
N SER B 189 4.87 25.98 7.50
CA SER B 189 3.71 25.26 7.95
C SER B 189 4.14 23.85 8.36
N GLU B 190 3.29 23.16 9.10
CA GLU B 190 3.50 21.74 9.36
C GLU B 190 3.33 21.04 8.01
N ASP B 191 3.91 19.85 7.86
CA ASP B 191 3.78 19.13 6.60
C ASP B 191 2.33 18.77 6.30
N LEU B 192 1.97 18.78 5.03
CA LEU B 192 0.70 18.22 4.58
C LEU B 192 0.96 16.95 3.79
N THR B 193 0.37 15.85 4.24
CA THR B 193 0.53 14.56 3.58
C THR B 193 -0.70 14.22 2.76
N ALA B 194 -0.51 13.82 1.50
CA ALA B 194 -1.61 13.39 0.66
C ALA B 194 -1.14 12.38 -0.38
N TRP B 195 -2.10 11.63 -0.92
CA TRP B 195 -1.79 10.59 -1.91
C TRP B 195 -2.30 10.98 -3.29
N THR B 196 -1.54 10.62 -4.31
CA THR B 196 -2.06 10.70 -5.67
C THR B 196 -3.17 9.66 -5.80
N LEU B 197 -4.03 9.80 -6.79
CA LEU B 197 -5.10 8.83 -6.98
C LEU B 197 -4.53 7.48 -7.44
N SER B 198 -5.23 6.40 -7.11
CA SER B 198 -4.80 5.05 -7.46
C SER B 198 -4.92 4.79 -8.95
N ASP B 199 -4.05 3.92 -9.47
CA ASP B 199 -4.12 3.48 -10.86
C ASP B 199 -4.81 2.12 -10.98
N ILE B 200 -5.10 1.51 -9.84
CA ILE B 200 -5.71 0.18 -9.81
C ILE B 200 -6.86 0.09 -8.80
N LEU B 201 -7.61 -1.00 -8.88
CA LEU B 201 -8.68 -1.27 -7.93
C LEU B 201 -8.14 -1.37 -6.52
N PRO B 202 -8.96 -1.03 -5.51
CA PRO B 202 -8.47 -1.11 -4.13
C PRO B 202 -8.50 -2.55 -3.63
N PRO B 203 -7.65 -2.88 -2.64
CA PRO B 203 -7.71 -4.18 -1.97
C PRO B 203 -8.96 -4.24 -1.08
N GLN B 204 -9.40 -5.44 -0.74
CA GLN B 204 -10.62 -5.60 0.05
C GLN B 204 -10.34 -5.25 1.50
N PRO B 205 -11.39 -4.90 2.26
CA PRO B 205 -11.26 -4.73 3.71
C PRO B 205 -10.63 -5.95 4.37
N GLU B 206 -9.93 -5.75 5.49
CA GLU B 206 -9.27 -6.84 6.18
C GLU B 206 -9.67 -6.91 7.65
N ASN B 207 -9.31 -8.01 8.31
CA ASN B 207 -9.58 -8.22 9.72
C ASN B 207 -11.06 -8.09 10.07
N ILE B 208 -11.89 -8.86 9.36
CA ILE B 208 -13.34 -8.81 9.56
C ILE B 208 -13.78 -9.61 10.78
N LYS B 209 -14.14 -8.92 11.86
CA LYS B 209 -14.70 -9.60 13.03
C LYS B 209 -16.12 -9.13 13.32
N ILE B 210 -16.93 -10.04 13.83
CA ILE B 210 -18.29 -9.71 14.23
C ILE B 210 -18.46 -9.99 15.72
N SER B 211 -18.92 -8.99 16.45
CA SER B 211 -19.05 -9.09 17.89
C SER B 211 -20.38 -8.51 18.34
N ASN B 212 -20.70 -8.72 19.62
CA ASN B 212 -21.94 -8.22 20.22
C ASN B 212 -23.21 -8.69 19.50
N ILE B 213 -23.26 -9.98 19.19
CA ILE B 213 -24.45 -10.56 18.58
C ILE B 213 -25.60 -10.53 19.58
N THR B 214 -26.75 -10.05 19.14
CA THR B 214 -27.97 -10.15 19.93
C THR B 214 -29.02 -10.84 19.07
N HIS B 215 -30.29 -10.70 19.45
CA HIS B 215 -31.36 -11.23 18.63
C HIS B 215 -31.78 -10.17 17.63
N SER B 216 -31.31 -8.94 17.87
CA SER B 216 -31.70 -7.78 17.09
C SER B 216 -30.54 -7.15 16.36
N SER B 217 -29.32 -7.38 16.85
CA SER B 217 -28.19 -6.58 16.43
C SER B 217 -26.84 -7.28 16.45
N ALA B 218 -25.84 -6.63 15.86
CA ALA B 218 -24.47 -7.13 15.85
C ALA B 218 -23.52 -6.00 15.52
N ILE B 220 -19.97 -4.95 13.72
CA ILE B 220 -19.07 -5.43 12.67
C ILE B 220 -17.88 -4.48 12.50
N SER B 221 -16.67 -5.01 12.44
CA SER B 221 -15.48 -4.16 12.32
C SER B 221 -14.51 -4.66 11.26
N TRP B 222 -13.71 -3.74 10.74
CA TRP B 222 -12.73 -4.04 9.70
C TRP B 222 -11.60 -3.02 9.70
N THR B 223 -10.60 -3.28 8.86
CA THR B 223 -9.56 -2.31 8.56
C THR B 223 -9.35 -2.28 7.05
N ILE B 224 -8.90 -1.15 6.53
CA ILE B 224 -8.56 -1.05 5.12
C ILE B 224 -7.08 -0.70 4.99
N LEU B 225 -6.51 -0.97 3.83
CA LEU B 225 -5.12 -0.61 3.58
C LEU B 225 -5.01 0.79 2.98
N ASP B 226 -4.05 1.57 3.48
CA ASP B 226 -3.87 2.94 3.03
C ASP B 226 -3.05 2.98 1.75
N GLY B 227 -3.23 4.03 0.95
CA GLY B 227 -2.49 4.17 -0.29
C GLY B 227 -3.28 3.98 -1.57
N TYR B 228 -4.53 3.55 -1.46
CA TYR B 228 -5.34 3.27 -2.66
C TYR B 228 -6.50 4.23 -2.88
N SER B 229 -6.45 5.39 -2.20
CA SER B 229 -7.48 6.43 -2.33
C SER B 229 -8.88 5.93 -2.02
N ILE B 230 -9.00 4.98 -1.10
CA ILE B 230 -10.31 4.46 -0.73
C ILE B 230 -11.16 5.55 -0.09
N SER B 231 -12.20 5.93 -0.81
CA SER B 231 -13.03 7.08 -0.45
C SER B 231 -14.36 6.68 0.15
N SER B 232 -14.69 5.39 0.07
CA SER B 232 -16.02 4.94 0.45
C SER B 232 -16.06 3.46 0.83
N ILE B 233 -17.07 3.08 1.60
CA ILE B 233 -17.22 1.68 2.03
C ILE B 233 -18.67 1.22 1.97
N THR B 234 -18.89 0.08 1.31
CA THR B 234 -20.23 -0.49 1.22
C THR B 234 -20.34 -1.79 2.01
N ILE B 235 -21.28 -1.81 2.96
CA ILE B 235 -21.58 -3.03 3.69
C ILE B 235 -22.91 -3.57 3.18
N ARG B 236 -22.86 -4.69 2.47
CA ARG B 236 -24.07 -5.31 1.95
C ARG B 236 -24.40 -6.54 2.77
N TYR B 237 -25.58 -6.54 3.39
CA TYR B 237 -26.00 -7.74 4.11
C TYR B 237 -27.37 -8.21 3.65
N LYS B 238 -27.67 -9.48 3.94
CA LYS B 238 -28.83 -10.14 3.36
C LYS B 238 -29.06 -11.47 4.04
N VAL B 239 -30.32 -11.76 4.38
CA VAL B 239 -30.70 -13.02 5.00
C VAL B 239 -30.25 -14.20 4.13
N GLN B 240 -29.66 -15.21 4.77
CA GLN B 240 -29.19 -16.39 4.05
C GLN B 240 -30.35 -17.16 3.42
N GLY B 241 -30.31 -17.24 2.10
CA GLY B 241 -31.33 -17.90 1.33
C GLY B 241 -30.72 -17.95 -0.05
N LYS B 242 -31.30 -18.83 -0.88
CA LYS B 242 -30.87 -19.00 -2.24
C LYS B 242 -31.97 -18.27 -2.97
N ASN B 243 -33.01 -17.97 -2.21
CA ASN B 243 -34.17 -17.25 -2.73
C ASN B 243 -34.45 -16.00 -1.90
N GLU B 244 -33.75 -14.92 -2.21
CA GLU B 244 -33.93 -13.66 -1.49
C GLU B 244 -34.13 -12.49 -2.46
N ASP B 245 -35.23 -11.78 -2.30
CA ASP B 245 -35.54 -10.67 -3.14
C ASP B 245 -35.03 -9.38 -2.62
N GLN B 246 -34.42 -9.36 -1.44
CA GLN B 246 -34.00 -8.06 -0.95
C GLN B 246 -32.68 -8.13 -0.20
N HIS B 247 -31.81 -7.16 -0.46
CA HIS B 247 -30.60 -6.99 0.32
C HIS B 247 -30.46 -5.53 0.75
N VAL B 248 -29.53 -5.27 1.65
CA VAL B 248 -29.37 -3.92 2.19
C VAL B 248 -27.96 -3.41 2.01
N ASP B 249 -27.83 -2.26 1.37
CA ASP B 249 -26.53 -1.63 1.19
C ASP B 249 -26.41 -0.42 2.11
N VAL B 250 -25.54 -0.51 3.11
CA VAL B 250 -25.19 0.67 3.88
C VAL B 250 -23.96 1.32 3.23
N LYS B 251 -24.06 2.63 2.98
CA LYS B 251 -23.02 3.31 2.23
C LYS B 251 -22.28 4.34 3.08
N ILE B 252 -21.05 4.00 3.48
CA ILE B 252 -20.24 4.86 4.32
C ILE B 252 -19.26 5.71 3.49
N LYS B 253 -19.58 6.99 3.35
CA LYS B 253 -18.81 7.91 2.50
C LYS B 253 -17.57 8.48 3.17
N ASN B 254 -17.42 8.24 4.46
CA ASN B 254 -16.20 8.61 5.17
C ASN B 254 -15.41 7.36 5.55
N ALA B 255 -14.36 7.07 4.79
CA ALA B 255 -13.62 5.81 4.97
C ALA B 255 -12.73 5.76 6.20
N THR B 256 -12.95 6.66 7.15
CA THR B 256 -12.21 6.64 8.40
C THR B 256 -12.98 5.82 9.44
N ILE B 257 -14.29 5.73 9.25
CA ILE B 257 -15.13 4.88 10.08
C ILE B 257 -14.76 3.44 9.77
N THR B 258 -14.52 2.64 10.81
CA THR B 258 -14.05 1.27 10.62
C THR B 258 -14.89 0.26 11.40
N GLN B 259 -16.01 0.71 11.94
CA GLN B 259 -16.92 -0.19 12.66
C GLN B 259 -18.36 0.27 12.47
N TYR B 260 -19.30 -0.62 12.74
CA TYR B 260 -20.71 -0.31 12.47
C TYR B 260 -21.67 -1.19 13.27
N GLN B 261 -22.70 -0.57 13.83
CA GLN B 261 -23.71 -1.32 14.56
C GLN B 261 -24.86 -1.68 13.62
N LEU B 262 -25.03 -2.98 13.37
CA LEU B 262 -26.16 -3.47 12.58
C LEU B 262 -27.34 -3.66 13.52
N LYS B 263 -28.42 -2.90 13.32
CA LYS B 263 -29.59 -3.00 14.18
C LYS B 263 -30.81 -3.45 13.38
N GLY B 264 -31.86 -3.88 14.09
CA GLY B 264 -33.10 -4.25 13.45
C GLY B 264 -33.13 -5.59 12.75
N LEU B 265 -32.22 -6.48 13.11
CA LEU B 265 -32.17 -7.82 12.52
C LEU B 265 -33.27 -8.73 13.06
N GLU B 266 -33.46 -9.87 12.41
CA GLU B 266 -34.39 -10.88 12.87
C GLU B 266 -33.66 -11.90 13.74
N PRO B 267 -34.32 -12.37 14.82
CA PRO B 267 -33.70 -13.32 15.76
C PRO B 267 -33.49 -14.69 15.14
N GLU B 268 -32.51 -15.44 15.65
CA GLU B 268 -32.23 -16.81 15.19
C GLU B 268 -32.09 -16.91 13.67
N THR B 269 -31.53 -15.87 13.05
CA THR B 269 -31.48 -15.79 11.60
C THR B 269 -30.05 -15.65 11.08
N ALA B 270 -29.74 -16.36 9.99
CA ALA B 270 -28.40 -16.30 9.41
C ALA B 270 -28.30 -15.27 8.29
N TYR B 271 -27.29 -14.41 8.38
CA TYR B 271 -27.08 -13.34 7.40
C TYR B 271 -25.79 -13.50 6.62
N GLN B 272 -25.82 -13.11 5.35
CA GLN B 272 -24.62 -13.03 4.54
C GLN B 272 -24.12 -11.58 4.47
N VAL B 273 -22.97 -11.33 5.07
CA VAL B 273 -22.42 -9.97 5.14
C VAL B 273 -21.22 -9.80 4.22
N ASP B 274 -21.30 -8.85 3.30
CA ASP B 274 -20.19 -8.52 2.43
C ASP B 274 -19.75 -7.08 2.64
N ILE B 275 -18.44 -6.86 2.66
CA ILE B 275 -17.92 -5.51 2.81
C ILE B 275 -17.02 -5.14 1.63
N PHE B 276 -17.34 -4.01 1.00
CA PHE B 276 -16.58 -3.53 -0.16
C PHE B 276 -15.85 -2.25 0.16
N ALA B 277 -14.89 -1.90 -0.70
CA ALA B 277 -14.20 -0.63 -0.61
C ALA B 277 -14.04 -0.12 -2.03
N GLU B 278 -14.26 1.17 -2.22
CA GLU B 278 -14.14 1.75 -3.57
C GLU B 278 -13.24 2.97 -3.61
N ASN B 279 -12.67 3.21 -4.78
CA ASN B 279 -11.86 4.40 -5.03
C ASN B 279 -12.15 4.97 -6.41
N ASN B 280 -11.24 5.80 -6.91
CA ASN B 280 -11.42 6.45 -8.21
C ASN B 280 -11.50 5.47 -9.39
N ILE B 281 -10.96 4.27 -9.21
CA ILE B 281 -10.96 3.25 -10.25
C ILE B 281 -12.23 2.40 -10.20
N GLY B 282 -12.62 1.99 -8.99
CA GLY B 282 -13.78 1.14 -8.83
C GLY B 282 -13.85 0.47 -7.46
N SER B 283 -14.61 -0.63 -7.37
CA SER B 283 -14.77 -1.35 -6.11
C SER B 283 -13.72 -2.43 -5.92
N SER B 284 -13.67 -2.95 -4.70
CA SER B 284 -12.77 -4.04 -4.34
C SER B 284 -13.53 -5.36 -4.45
N ASN B 285 -12.84 -6.48 -4.24
CA ASN B 285 -13.51 -7.75 -4.09
C ASN B 285 -14.26 -7.76 -2.77
N PRO B 286 -15.28 -8.60 -2.64
CA PRO B 286 -15.97 -8.77 -1.35
C PRO B 286 -15.03 -9.27 -0.27
N ALA B 287 -14.99 -8.56 0.85
CA ALA B 287 -14.40 -9.12 2.05
C ALA B 287 -15.57 -9.65 2.86
N PHE B 288 -15.98 -10.88 2.53
CA PHE B 288 -17.16 -11.47 3.13
C PHE B 288 -16.83 -11.90 4.54
N SER B 289 -17.86 -12.16 5.32
CA SER B 289 -17.64 -12.66 6.66
C SER B 289 -18.30 -14.02 6.80
N HIS B 290 -17.66 -14.92 7.55
CA HIS B 290 -18.28 -16.17 7.94
C HIS B 290 -19.56 -15.79 8.67
N GLU B 291 -20.57 -16.65 8.58
CA GLU B 291 -21.96 -16.24 8.88
C GLU B 291 -22.25 -15.48 10.17
N LEU B 292 -23.00 -14.38 10.02
CA LEU B 292 -23.68 -13.73 11.14
C LEU B 292 -24.99 -14.46 11.42
N VAL B 293 -25.08 -15.09 12.59
CA VAL B 293 -26.30 -15.75 13.01
C VAL B 293 -26.73 -15.16 14.34
N THR B 294 -27.88 -14.50 14.34
CA THR B 294 -28.41 -13.87 15.55
C THR B 294 -28.94 -14.90 16.54
N LEU B 295 -29.10 -14.49 17.80
CA LEU B 295 -29.61 -15.36 18.84
C LEU B 295 -31.11 -15.54 18.99
N PRO B 296 -31.51 -16.74 19.59
CA PRO B 296 -32.97 -16.87 19.72
C PRO B 296 -33.60 -15.68 20.45
N GLU B 297 -34.93 -15.63 20.48
CA GLU B 297 -35.63 -14.54 21.14
C GLU B 297 -35.49 -13.24 20.37
#